data_8DND
#
_entry.id   8DND
#
_cell.length_a   69.748
_cell.length_b   72.660
_cell.length_c   44.280
_cell.angle_alpha   90.000
_cell.angle_beta   90.000
_cell.angle_gamma   90.000
#
_symmetry.space_group_name_H-M   'P 21 21 2'
#
loop_
_entity.id
_entity.type
_entity.pdbx_description
1 polymer 'Basic phospholipase A2 homolog piratoxin-1'
2 non-polymer '({3-[amino(oxo)acetyl]-1-benzyl-2-ethyl-1H-indol-4-yl}oxy)acetic acid'
3 non-polymer 'SULFATE ION'
4 water water
#
_entity_poly.entity_id   1
_entity_poly.type   'polypeptide(L)'
_entity_poly.pdbx_seq_one_letter_code
;SLFELGKMILQETGKNPAKSYGAYGCNCGVLGRGKPKDATDRCCYVHKCCYKKLTGCNPKKDRYSYSWKDKTIVCGENNP
CLKELCECDKAVAICLRENLGTYNKLYRYHLKPFCKKADDC
;
_entity_poly.pdbx_strand_id   B,A
#
loop_
_chem_comp.id
_chem_comp.type
_chem_comp.name
_chem_comp.formula
SO4 non-polymer 'SULFATE ION' 'O4 S -2'
VRD non-polymer '({3-[amino(oxo)acetyl]-1-benzyl-2-ethyl-1H-indol-4-yl}oxy)acetic acid' 'C21 H20 N2 O5'
#
# COMPACT_ATOMS: atom_id res chain seq x y z
N SER A 1 -12.77 -4.07 -0.37
CA SER A 1 -11.39 -4.30 0.03
C SER A 1 -10.45 -4.13 -1.15
N LEU A 2 -9.14 -4.24 -0.89
CA LEU A 2 -8.16 -4.12 -1.95
C LEU A 2 -8.30 -5.22 -3.00
N PHE A 3 -8.91 -6.35 -2.64
CA PHE A 3 -9.18 -7.40 -3.63
C PHE A 3 -10.12 -6.89 -4.70
N GLU A 4 -11.28 -6.36 -4.29
CA GLU A 4 -12.25 -5.84 -5.26
C GLU A 4 -11.67 -4.69 -6.05
N LEU A 5 -10.94 -3.78 -5.38
CA LEU A 5 -10.35 -2.64 -6.07
C LEU A 5 -9.35 -3.09 -7.12
N GLY A 6 -8.47 -4.03 -6.76
CA GLY A 6 -7.49 -4.52 -7.72
C GLY A 6 -8.13 -5.20 -8.91
N LYS A 7 -9.18 -5.99 -8.67
CA LYS A 7 -9.86 -6.67 -9.77
C LYS A 7 -10.59 -5.67 -10.67
N MET A 8 -11.22 -4.65 -10.07
CA MET A 8 -11.86 -3.62 -10.87
C MET A 8 -10.85 -2.92 -11.78
N ILE A 9 -9.68 -2.60 -11.24
CA ILE A 9 -8.66 -1.89 -12.03
C ILE A 9 -8.20 -2.76 -13.19
N LEU A 10 -8.00 -4.06 -12.95
CA LEU A 10 -7.58 -4.96 -14.02
C LEU A 10 -8.66 -5.07 -15.08
N GLN A 11 -9.92 -5.21 -14.68
CA GLN A 11 -11.00 -5.41 -15.63
C GLN A 11 -11.21 -4.16 -16.50
N GLU A 12 -11.06 -2.97 -15.90
CA GLU A 12 -11.28 -1.75 -16.67
C GLU A 12 -10.06 -1.39 -17.50
N THR A 13 -8.88 -1.33 -16.88
CA THR A 13 -7.68 -0.88 -17.57
C THR A 13 -6.97 -1.97 -18.37
N GLY A 14 -7.18 -3.23 -18.03
CA GLY A 14 -6.39 -4.28 -18.64
C GLY A 14 -4.96 -4.35 -18.14
N LYS A 15 -4.62 -3.58 -17.11
CA LYS A 15 -3.29 -3.56 -16.53
C LYS A 15 -3.31 -4.17 -15.14
N ASN A 16 -2.20 -4.78 -14.75
CA ASN A 16 -2.08 -5.35 -13.42
C ASN A 16 -1.99 -4.21 -12.40
N PRO A 17 -2.73 -4.28 -11.28
CA PRO A 17 -2.88 -3.08 -10.45
C PRO A 17 -1.63 -2.70 -9.67
N ALA A 18 -0.92 -3.66 -9.07
CA ALA A 18 0.23 -3.29 -8.25
C ALA A 18 1.41 -2.86 -9.12
N LYS A 19 1.59 -3.50 -10.27
CA LYS A 19 2.72 -3.17 -11.14
C LYS A 19 2.57 -1.78 -11.73
N SER A 20 1.37 -1.46 -12.24
CA SER A 20 1.16 -0.20 -12.94
C SER A 20 0.65 0.92 -12.04
N TYR A 21 0.03 0.60 -10.92
CA TYR A 21 -0.59 1.61 -10.07
C TYR A 21 -0.25 1.48 -8.59
N GLY A 22 0.50 0.45 -8.18
CA GLY A 22 0.88 0.31 -6.79
C GLY A 22 1.66 1.49 -6.24
N ALA A 23 2.36 2.22 -7.11
CA ALA A 23 3.04 3.45 -6.72
C ALA A 23 3.16 4.31 -7.97
N TYR A 24 2.23 5.25 -8.13
CA TYR A 24 2.21 6.13 -9.28
C TYR A 24 2.00 7.56 -8.82
N GLY A 25 2.90 8.46 -9.23
CA GLY A 25 2.72 9.87 -8.94
C GLY A 25 2.74 10.16 -7.46
N CYS A 26 1.82 11.02 -7.03
CA CYS A 26 1.77 11.50 -5.66
C CYS A 26 0.58 10.97 -4.87
N ASN A 27 -0.32 10.23 -5.50
CA ASN A 27 -1.55 9.79 -4.84
C ASN A 27 -1.86 8.31 -4.99
N CYS A 28 -1.31 7.62 -5.98
CA CYS A 28 -1.63 6.21 -6.18
C CYS A 28 -0.75 5.34 -5.29
N GLY A 29 -1.40 4.45 -4.53
CA GLY A 29 -0.72 3.61 -3.57
C GLY A 29 -0.83 4.14 -2.16
N VAL A 30 -0.02 3.54 -1.28
CA VAL A 30 0.01 4.00 0.10
C VAL A 30 0.74 5.35 0.18
N LEU A 31 0.61 5.99 1.34
CA LEU A 31 1.31 7.21 1.80
C LEU A 31 0.46 8.46 1.64
N GLY A 32 -0.84 8.33 1.43
CA GLY A 32 -1.73 9.47 1.47
C GLY A 32 -1.76 10.28 0.18
N ARG A 33 -2.28 11.49 0.31
CA ARG A 33 -2.54 12.36 -0.83
C ARG A 33 -1.44 13.38 -1.03
N GLY A 34 -1.35 13.89 -2.25
CA GLY A 34 -0.41 14.94 -2.61
C GLY A 34 -0.89 15.63 -3.87
N LYS A 35 -0.17 16.69 -4.24
CA LYS A 35 -0.46 17.39 -5.47
C LYS A 35 -0.27 16.44 -6.65
N PRO A 36 -1.32 16.08 -7.38
CA PRO A 36 -1.19 15.06 -8.42
C PRO A 36 -0.33 15.52 -9.58
N LYS A 37 0.39 14.56 -10.16
CA LYS A 37 1.27 14.87 -11.28
C LYS A 37 0.53 14.96 -12.60
N ASP A 38 -0.52 14.15 -12.79
CA ASP A 38 -1.25 14.15 -14.05
C ASP A 38 -2.69 13.67 -13.77
N ALA A 39 -3.40 13.35 -14.84
CA ALA A 39 -4.80 12.92 -14.70
C ALA A 39 -4.89 11.57 -14.01
N THR A 40 -4.00 10.63 -14.35
CA THR A 40 -3.98 9.35 -13.65
C THR A 40 -3.74 9.54 -12.16
N ASP A 41 -2.82 10.43 -11.79
CA ASP A 41 -2.57 10.71 -10.39
C ASP A 41 -3.81 11.30 -9.72
N ARG A 42 -4.55 12.15 -10.45
CA ARG A 42 -5.74 12.78 -9.87
C ARG A 42 -6.83 11.77 -9.57
N CYS A 43 -6.92 10.70 -10.36
CA CYS A 43 -7.88 9.64 -10.08
C CYS A 43 -7.70 9.10 -8.66
N CYS A 44 -6.45 8.81 -8.29
CA CYS A 44 -6.16 8.30 -6.95
C CYS A 44 -6.37 9.38 -5.90
N TYR A 45 -6.15 10.64 -6.25
CA TYR A 45 -6.46 11.75 -5.36
C TYR A 45 -7.95 11.78 -5.02
N VAL A 46 -8.80 11.79 -6.05
CA VAL A 46 -10.24 11.77 -5.83
C VAL A 46 -10.66 10.51 -5.09
N HIS A 47 -10.02 9.37 -5.42
CA HIS A 47 -10.36 8.11 -4.78
C HIS A 47 -10.15 8.19 -3.27
N LYS A 48 -9.03 8.77 -2.84
CA LYS A 48 -8.76 8.87 -1.40
C LYS A 48 -9.72 9.84 -0.72
N CYS A 49 -10.10 10.91 -1.41
CA CYS A 49 -11.13 11.80 -0.86
C CYS A 49 -12.48 11.11 -0.80
N CYS A 50 -12.76 10.21 -1.75
CA CYS A 50 -13.97 9.39 -1.68
C CYS A 50 -13.97 8.51 -0.44
N TYR A 51 -12.83 7.87 -0.16
CA TYR A 51 -12.71 7.02 1.03
C TYR A 51 -12.96 7.81 2.30
N LYS A 52 -12.53 9.07 2.33
CA LYS A 52 -12.69 9.90 3.53
C LYS A 52 -14.14 10.20 3.83
N LYS A 53 -15.02 10.17 2.85
CA LYS A 53 -16.44 10.45 3.06
C LYS A 53 -17.23 9.24 3.51
N LEU A 54 -16.60 8.07 3.61
CA LEU A 54 -17.31 6.86 4.01
C LEU A 54 -17.75 6.94 5.46
N THR A 55 -18.70 6.08 5.83
CA THR A 55 -19.42 6.18 7.09
C THR A 55 -19.10 5.04 8.06
N GLY A 56 -17.83 4.68 8.18
CA GLY A 56 -17.36 3.75 9.19
C GLY A 56 -16.81 2.44 8.68
N CYS A 57 -17.21 2.00 7.49
CA CYS A 57 -16.69 0.74 6.98
C CYS A 57 -15.23 0.88 6.56
N ASN A 58 -14.48 -0.22 6.67
CA ASN A 58 -13.05 -0.22 6.40
C ASN A 58 -12.82 -0.41 4.91
N PRO A 59 -12.28 0.58 4.19
CA PRO A 59 -12.06 0.39 2.75
C PRO A 59 -11.04 -0.67 2.42
N LYS A 60 -10.08 -0.93 3.32
CA LYS A 60 -8.99 -1.85 3.00
C LYS A 60 -9.38 -3.30 3.23
N LYS A 61 -10.15 -3.58 4.28
CA LYS A 61 -10.42 -4.95 4.69
C LYS A 61 -11.84 -5.44 4.41
N ASP A 62 -12.82 -4.54 4.37
CA ASP A 62 -14.21 -4.96 4.20
C ASP A 62 -14.48 -5.37 2.77
N ARG A 63 -15.01 -6.58 2.59
CA ARG A 63 -15.40 -7.08 1.28
C ARG A 63 -16.81 -6.62 0.93
N TYR A 64 -17.06 -6.46 -0.36
CA TYR A 64 -18.39 -6.13 -0.85
C TYR A 64 -18.64 -6.91 -2.13
N SER A 65 -19.90 -6.91 -2.55
CA SER A 65 -20.34 -7.66 -3.72
C SER A 65 -20.51 -6.73 -4.92
N TYR A 66 -19.90 -7.09 -6.04
CA TYR A 66 -20.10 -6.38 -7.29
C TYR A 66 -20.02 -7.39 -8.43
N SER A 67 -20.53 -6.99 -9.60
CA SER A 67 -20.57 -7.85 -10.76
C SER A 67 -20.03 -7.11 -11.98
N TRP A 68 -19.47 -7.87 -12.91
CA TRP A 68 -18.94 -7.38 -14.18
C TRP A 68 -19.94 -7.81 -15.25
N LYS A 69 -20.95 -6.96 -15.48
CA LYS A 69 -22.07 -7.27 -16.35
C LYS A 69 -22.00 -6.40 -17.60
N ASP A 70 -21.92 -7.05 -18.76
CA ASP A 70 -21.80 -6.38 -20.05
C ASP A 70 -20.67 -5.35 -20.02
N LYS A 71 -19.52 -5.79 -19.53
CA LYS A 71 -18.31 -4.96 -19.44
C LYS A 71 -18.57 -3.68 -18.64
N THR A 72 -19.33 -3.82 -17.55
CA THR A 72 -19.66 -2.70 -16.68
C THR A 72 -19.59 -3.17 -15.24
N ILE A 73 -18.97 -2.37 -14.38
CA ILE A 73 -18.95 -2.65 -12.95
C ILE A 73 -20.30 -2.25 -12.36
N VAL A 74 -20.95 -3.20 -11.70
CA VAL A 74 -22.26 -2.98 -11.08
C VAL A 74 -22.13 -3.25 -9.59
N CYS A 75 -22.42 -2.25 -8.78
CA CYS A 75 -22.34 -2.36 -7.32
C CYS A 75 -23.71 -2.78 -6.80
N GLY A 76 -23.95 -4.10 -6.76
CA GLY A 76 -25.19 -4.61 -6.20
C GLY A 76 -25.24 -4.56 -4.68
N GLU A 77 -24.15 -4.19 -4.03
CA GLU A 77 -24.08 -4.13 -2.58
C GLU A 77 -25.20 -3.27 -2.02
N ASN A 78 -25.80 -3.75 -0.91
CA ASN A 78 -26.93 -3.07 -0.30
C ASN A 78 -26.61 -2.36 1.00
N ASN A 79 -25.53 -2.72 1.68
CA ASN A 79 -25.12 -1.99 2.86
C ASN A 79 -24.70 -0.58 2.45
N PRO A 80 -25.21 0.47 3.10
CA PRO A 80 -24.96 1.84 2.59
C PRO A 80 -23.49 2.20 2.51
N CYS A 81 -22.70 1.89 3.54
CA CYS A 81 -21.27 2.23 3.49
C CYS A 81 -20.54 1.37 2.46
N LEU A 82 -20.81 0.06 2.45
CA LEU A 82 -20.15 -0.82 1.50
C LEU A 82 -20.58 -0.52 0.07
N LYS A 83 -21.81 -0.05 -0.13
CA LYS A 83 -22.24 0.38 -1.46
C LYS A 83 -21.47 1.62 -1.90
N GLU A 84 -21.34 2.61 -1.00
CA GLU A 84 -20.54 3.79 -1.32
C GLU A 84 -19.08 3.43 -1.51
N LEU A 85 -18.58 2.48 -0.71
CA LEU A 85 -17.20 1.99 -0.89
C LEU A 85 -17.03 1.37 -2.26
N CYS A 86 -17.99 0.55 -2.69
CA CYS A 86 -17.93 -0.03 -4.03
C CYS A 86 -17.95 1.05 -5.09
N GLU A 87 -18.76 2.09 -4.90
CA GLU A 87 -18.84 3.16 -5.90
C GLU A 87 -17.55 3.98 -5.95
N CYS A 88 -16.87 4.15 -4.82
CA CYS A 88 -15.56 4.80 -4.85
C CYS A 88 -14.58 3.99 -5.70
N ASP A 89 -14.54 2.68 -5.50
CA ASP A 89 -13.59 1.84 -6.23
C ASP A 89 -13.92 1.78 -7.71
N LYS A 90 -15.21 1.69 -8.06
CA LYS A 90 -15.61 1.68 -9.46
C LYS A 90 -15.22 2.99 -10.14
N ALA A 91 -15.32 4.11 -9.40
CA ALA A 91 -15.01 5.41 -9.99
C ALA A 91 -13.53 5.52 -10.37
N VAL A 92 -12.63 5.06 -9.49
CA VAL A 92 -11.20 5.19 -9.77
C VAL A 92 -10.79 4.23 -10.88
N ALA A 93 -11.41 3.06 -10.95
CA ALA A 93 -11.10 2.11 -12.02
C ALA A 93 -11.48 2.69 -13.38
N ILE A 94 -12.66 3.31 -13.45
CA ILE A 94 -13.07 3.98 -14.69
C ILE A 94 -12.15 5.16 -14.98
N CYS A 95 -11.79 5.92 -13.95
CA CYS A 95 -10.95 7.10 -14.14
C CYS A 95 -9.58 6.71 -14.70
N LEU A 96 -8.96 5.68 -14.13
CA LEU A 96 -7.65 5.25 -14.60
C LEU A 96 -7.72 4.75 -16.04
N ARG A 97 -8.79 4.03 -16.39
CA ARG A 97 -8.95 3.55 -17.76
C ARG A 97 -9.17 4.70 -18.73
N GLU A 98 -9.95 5.70 -18.31
CA GLU A 98 -10.23 6.84 -19.19
C GLU A 98 -8.97 7.63 -19.49
N ASN A 99 -7.98 7.61 -18.60
CA ASN A 99 -6.78 8.42 -18.73
C ASN A 99 -5.53 7.59 -19.03
N LEU A 100 -5.69 6.39 -19.59
CA LEU A 100 -4.54 5.59 -19.95
C LEU A 100 -3.69 6.25 -21.02
N GLY A 101 -4.31 7.09 -21.87
CA GLY A 101 -3.59 7.74 -22.95
C GLY A 101 -2.48 8.66 -22.49
N THR A 102 -2.56 9.17 -21.26
CA THR A 102 -1.51 10.02 -20.70
C THR A 102 -0.76 9.34 -19.57
N TYR A 103 -0.94 8.03 -19.39
CA TYR A 103 -0.17 7.29 -18.40
C TYR A 103 1.32 7.42 -18.70
N ASN A 104 2.06 8.00 -17.77
CA ASN A 104 3.49 8.26 -17.94
C ASN A 104 4.27 7.27 -17.06
N LYS A 105 5.03 6.40 -17.72
CA LYS A 105 5.82 5.38 -17.02
C LYS A 105 6.85 6.00 -16.09
N LEU A 106 7.27 7.25 -16.33
CA LEU A 106 8.23 7.89 -15.45
C LEU A 106 7.65 8.17 -14.07
N TYR A 107 6.33 8.32 -13.98
CA TYR A 107 5.67 8.55 -12.70
C TYR A 107 5.37 7.26 -11.95
N ARG A 108 5.69 6.10 -12.53
CA ARG A 108 5.60 4.83 -11.81
C ARG A 108 6.70 4.77 -10.76
N TYR A 109 6.33 4.39 -9.53
CA TYR A 109 7.21 4.42 -8.37
C TYR A 109 7.79 5.82 -8.14
N HIS A 110 7.02 6.85 -8.46
CA HIS A 110 7.48 8.21 -8.18
C HIS A 110 7.79 8.36 -6.70
N LEU A 111 8.99 8.84 -6.40
CA LEU A 111 9.40 9.00 -5.01
C LEU A 111 8.41 9.87 -4.26
N LYS A 112 7.79 9.33 -3.22
CA LYS A 112 6.69 10.02 -2.56
C LYS A 112 7.10 11.18 -1.67
N PRO A 113 8.28 11.18 -1.04
CA PRO A 113 8.73 12.41 -0.37
C PRO A 113 8.80 13.61 -1.30
N PHE A 114 8.94 13.38 -2.61
CA PHE A 114 9.06 14.45 -3.59
C PHE A 114 7.88 15.43 -3.54
N CYS A 115 6.71 14.96 -3.10
CA CYS A 115 5.46 15.61 -3.45
C CYS A 115 5.12 16.78 -2.55
N LYS A 116 4.41 17.74 -3.13
CA LYS A 116 3.86 18.85 -2.37
C LYS A 116 2.57 18.42 -1.69
N LYS A 117 2.26 19.06 -0.57
CA LYS A 117 1.08 18.70 0.21
C LYS A 117 -0.19 19.00 -0.56
N ALA A 118 -1.19 18.14 -0.41
CA ALA A 118 -2.42 18.25 -1.16
C ALA A 118 -3.40 19.21 -0.50
N ASP A 119 -4.27 19.78 -1.32
CA ASP A 119 -5.40 20.55 -0.79
C ASP A 119 -6.32 19.65 0.00
N ASP A 120 -7.15 20.27 0.84
CA ASP A 120 -8.17 19.51 1.57
C ASP A 120 -9.24 19.02 0.61
N CYS A 121 -9.79 17.86 0.92
CA CYS A 121 -10.86 17.28 0.11
C CYS A 121 -12.10 18.16 0.15
N SER B 1 4.18 5.69 11.34
CA SER B 1 3.28 5.64 10.19
C SER B 1 4.00 5.04 8.97
N LEU B 2 3.24 4.85 7.89
CA LEU B 2 3.81 4.27 6.68
C LEU B 2 4.85 5.18 6.05
N PHE B 3 4.76 6.49 6.30
CA PHE B 3 5.77 7.43 5.80
C PHE B 3 7.14 7.09 6.38
N GLU B 4 7.24 7.01 7.71
CA GLU B 4 8.53 6.74 8.32
C GLU B 4 9.06 5.37 7.91
N LEU B 5 8.17 4.39 7.77
CA LEU B 5 8.58 3.08 7.28
C LEU B 5 9.18 3.17 5.89
N GLY B 6 8.51 3.92 4.99
CA GLY B 6 9.02 4.05 3.64
C GLY B 6 10.36 4.75 3.57
N LYS B 7 10.55 5.79 4.39
CA LYS B 7 11.84 6.46 4.45
C LYS B 7 12.92 5.52 4.98
N MET B 8 12.57 4.69 5.98
CA MET B 8 13.53 3.76 6.55
C MET B 8 14.01 2.75 5.51
N ILE B 9 13.08 2.16 4.77
CA ILE B 9 13.45 1.16 3.77
C ILE B 9 14.32 1.77 2.70
N LEU B 10 14.01 3.01 2.28
CA LEU B 10 14.86 3.70 1.32
C LEU B 10 16.26 3.96 1.89
N GLN B 11 16.34 4.27 3.18
CA GLN B 11 17.63 4.59 3.78
C GLN B 11 18.48 3.33 3.96
N GLU B 12 17.86 2.21 4.31
CA GLU B 12 18.61 0.99 4.58
C GLU B 12 18.95 0.23 3.30
N THR B 13 17.95 0.01 2.44
CA THR B 13 18.14 -0.80 1.25
C THR B 13 18.60 0.01 0.03
N GLY B 14 18.31 1.30 0.00
CA GLY B 14 18.59 2.10 -1.19
C GLY B 14 17.64 1.84 -2.33
N LYS B 15 16.59 1.08 -2.12
CA LYS B 15 15.62 0.75 -3.15
C LYS B 15 14.32 1.49 -2.92
N ASN B 16 13.64 1.81 -4.01
CA ASN B 16 12.31 2.38 -3.96
C ASN B 16 11.39 1.44 -3.18
N PRO B 17 10.82 1.87 -2.05
CA PRO B 17 10.10 0.90 -1.20
C PRO B 17 8.91 0.23 -1.86
N ALA B 18 8.03 1.01 -2.52
CA ALA B 18 6.84 0.41 -3.11
C ALA B 18 7.16 -0.40 -4.35
N LYS B 19 8.21 -0.04 -5.08
CA LYS B 19 8.59 -0.81 -6.27
C LYS B 19 9.08 -2.20 -5.88
N SER B 20 10.08 -2.26 -5.01
CA SER B 20 10.70 -3.53 -4.66
C SER B 20 9.88 -4.33 -3.66
N TYR B 21 9.03 -3.69 -2.86
CA TYR B 21 8.37 -4.36 -1.75
C TYR B 21 6.88 -4.08 -1.64
N GLY B 22 6.28 -3.33 -2.57
CA GLY B 22 4.86 -3.05 -2.49
C GLY B 22 3.97 -4.24 -2.71
N ALA B 23 4.48 -5.29 -3.37
CA ALA B 23 3.70 -6.50 -3.61
C ALA B 23 4.59 -7.74 -3.65
N TYR B 24 5.71 -7.73 -2.94
CA TYR B 24 6.68 -8.81 -3.00
C TYR B 24 6.17 -10.02 -2.21
N GLY B 25 6.26 -11.19 -2.83
CA GLY B 25 5.95 -12.44 -2.18
C GLY B 25 4.54 -12.50 -1.62
N CYS B 26 4.40 -13.19 -0.50
CA CYS B 26 3.11 -13.40 0.13
C CYS B 26 2.88 -12.50 1.34
N ASN B 27 3.87 -11.68 1.71
CA ASN B 27 3.78 -10.89 2.94
C ASN B 27 4.15 -9.43 2.78
N CYS B 28 4.86 -9.04 1.72
CA CYS B 28 5.31 -7.66 1.58
C CYS B 28 4.28 -6.81 0.88
N GLY B 29 3.87 -5.73 1.52
CA GLY B 29 2.95 -4.78 0.91
C GLY B 29 1.51 -5.11 1.23
N VAL B 30 0.69 -5.17 0.19
CA VAL B 30 -0.76 -5.25 0.37
C VAL B 30 -1.17 -6.67 0.76
N LEU B 31 -2.38 -6.77 1.33
CA LEU B 31 -3.15 -8.02 1.41
C LEU B 31 -2.59 -9.00 2.44
N GLY B 32 -2.16 -8.49 3.59
CA GLY B 32 -1.91 -9.34 4.74
C GLY B 32 -0.79 -10.35 4.58
N ARG B 33 -0.84 -11.37 5.44
CA ARG B 33 0.22 -12.36 5.58
C ARG B 33 -0.08 -13.64 4.83
N GLY B 34 0.98 -14.39 4.55
CA GLY B 34 0.89 -15.69 3.91
C GLY B 34 2.18 -16.45 4.19
N LYS B 35 2.24 -17.66 3.66
CA LYS B 35 3.45 -18.47 3.82
C LYS B 35 4.62 -17.78 3.13
N PRO B 36 5.70 -17.47 3.83
CA PRO B 36 6.79 -16.70 3.23
C PRO B 36 7.44 -17.44 2.06
N LYS B 37 7.69 -16.70 0.97
CA LYS B 37 8.35 -17.28 -0.19
C LYS B 37 9.85 -17.42 0.01
N ASP B 38 10.47 -16.47 0.70
CA ASP B 38 11.92 -16.47 0.90
C ASP B 38 12.24 -15.61 2.12
N ALA B 39 13.52 -15.27 2.27
CA ALA B 39 13.96 -14.50 3.42
C ALA B 39 13.41 -13.09 3.40
N THR B 40 13.42 -12.43 2.24
CA THR B 40 12.83 -11.10 2.11
C THR B 40 11.35 -11.12 2.50
N ASP B 41 10.62 -12.14 2.03
CA ASP B 41 9.21 -12.26 2.38
C ASP B 41 9.02 -12.44 3.87
N ARG B 42 9.93 -13.16 4.53
CA ARG B 42 9.80 -13.39 5.95
C ARG B 42 9.99 -12.11 6.76
N CYS B 43 10.84 -11.20 6.29
CA CYS B 43 10.96 -9.89 6.93
C CYS B 43 9.60 -9.22 7.06
N CYS B 44 8.83 -9.22 5.98
CA CYS B 44 7.51 -8.60 5.99
C CYS B 44 6.53 -9.39 6.84
N TYR B 45 6.66 -10.72 6.84
CA TYR B 45 5.84 -11.56 7.71
C TYR B 45 6.07 -11.19 9.18
N VAL B 46 7.34 -11.10 9.58
CA VAL B 46 7.67 -10.73 10.96
C VAL B 46 7.19 -9.32 11.25
N HIS B 47 7.34 -8.42 10.29
CA HIS B 47 6.94 -7.03 10.49
C HIS B 47 5.43 -6.91 10.69
N LYS B 48 4.65 -7.66 9.91
CA LYS B 48 3.20 -7.62 10.06
C LYS B 48 2.78 -8.18 11.41
N CYS B 49 3.48 -9.21 11.89
CA CYS B 49 3.20 -9.73 13.23
C CYS B 49 3.66 -8.76 14.31
N CYS B 50 4.72 -7.99 14.05
CA CYS B 50 5.12 -6.93 14.96
C CYS B 50 4.00 -5.91 15.13
N TYR B 51 3.31 -5.59 14.03
CA TYR B 51 2.19 -4.64 14.09
C TYR B 51 1.01 -5.20 14.88
N LYS B 52 0.78 -6.51 14.80
CA LYS B 52 -0.38 -7.09 15.47
C LYS B 52 -0.25 -7.10 16.98
N LYS B 53 0.98 -6.94 17.51
CA LYS B 53 1.17 -6.86 18.95
C LYS B 53 1.04 -5.45 19.49
N LEU B 54 1.07 -4.44 18.61
CA LEU B 54 0.92 -3.06 19.03
C LEU B 54 -0.49 -2.84 19.58
N THR B 55 -0.68 -3.24 20.84
CA THR B 55 -2.00 -3.27 21.46
C THR B 55 -2.47 -1.92 21.97
N GLY B 56 -1.61 -0.89 21.96
CA GLY B 56 -1.98 0.36 22.57
C GLY B 56 -1.92 1.57 21.67
N CYS B 57 -1.72 1.34 20.37
CA CYS B 57 -1.64 2.41 19.40
C CYS B 57 -1.93 1.83 18.00
N ASN B 58 -1.42 2.51 16.96
CA ASN B 58 -1.95 2.32 15.61
C ASN B 58 -0.86 2.52 14.55
N PRO B 59 -0.37 1.44 13.95
CA PRO B 59 0.91 1.52 13.22
C PRO B 59 0.83 2.26 11.89
N LYS B 60 -0.32 2.27 11.22
CA LYS B 60 -0.37 2.82 9.87
C LYS B 60 -0.34 4.34 9.85
N LYS B 61 -0.90 5.00 10.87
CA LYS B 61 -1.12 6.44 10.84
C LYS B 61 -0.42 7.22 11.94
N ASP B 62 0.03 6.57 13.01
CA ASP B 62 0.66 7.28 14.11
C ASP B 62 2.09 7.63 13.74
N ARG B 63 2.39 8.93 13.68
CA ARG B 63 3.72 9.40 13.36
C ARG B 63 4.61 9.33 14.60
N TYR B 64 5.89 9.00 14.39
CA TYR B 64 6.85 8.94 15.47
C TYR B 64 8.13 9.66 15.05
N SER B 65 9.05 9.80 15.99
CA SER B 65 10.32 10.49 15.76
C SER B 65 11.46 9.48 15.78
N TYR B 66 12.32 9.56 14.77
CA TYR B 66 13.54 8.76 14.73
C TYR B 66 14.62 9.58 14.04
N SER B 67 15.87 9.15 14.24
CA SER B 67 17.01 9.88 13.72
C SER B 67 17.95 8.94 12.98
N TRP B 68 18.80 9.54 12.14
CA TRP B 68 19.77 8.82 11.31
C TRP B 68 21.16 9.26 11.76
N LYS B 69 21.75 8.48 12.68
CA LYS B 69 23.04 8.79 13.26
C LYS B 69 24.01 7.65 13.00
N ASP B 70 25.19 7.99 12.46
CA ASP B 70 26.22 7.01 12.11
C ASP B 70 25.65 5.93 11.18
N LYS B 71 24.81 6.37 10.25
CA LYS B 71 24.13 5.47 9.30
C LYS B 71 23.36 4.38 10.03
N THR B 72 22.71 4.76 11.12
CA THR B 72 21.89 3.84 11.91
C THR B 72 20.57 4.50 12.25
N ILE B 73 19.48 3.73 12.13
CA ILE B 73 18.18 4.19 12.57
C ILE B 73 18.14 4.17 14.09
N VAL B 74 17.77 5.31 14.69
CA VAL B 74 17.71 5.44 16.14
C VAL B 74 16.31 5.93 16.51
N CYS B 75 15.58 5.12 17.26
CA CYS B 75 14.23 5.46 17.71
C CYS B 75 14.33 6.19 19.05
N GLY B 76 14.18 7.52 19.01
CA GLY B 76 14.22 8.33 20.19
C GLY B 76 12.89 8.64 20.82
N GLU B 77 11.82 7.96 20.40
CA GLU B 77 10.49 8.28 20.89
C GLU B 77 10.35 7.92 22.37
N ASN B 78 9.72 8.82 23.13
CA ASN B 78 9.48 8.56 24.54
C ASN B 78 8.20 7.76 24.77
N ASN B 79 7.20 7.94 23.92
CA ASN B 79 5.96 7.20 24.07
C ASN B 79 6.24 5.71 23.85
N PRO B 80 5.82 4.84 24.78
CA PRO B 80 6.20 3.41 24.66
C PRO B 80 5.66 2.75 23.40
N CYS B 81 4.41 3.02 23.03
CA CYS B 81 3.85 2.35 21.86
C CYS B 81 4.47 2.87 20.56
N LEU B 82 4.65 4.19 20.45
CA LEU B 82 5.33 4.74 19.28
C LEU B 82 6.78 4.23 19.21
N LYS B 83 7.42 4.07 20.36
CA LYS B 83 8.77 3.50 20.39
C LYS B 83 8.75 2.05 19.91
N GLU B 84 7.80 1.26 20.40
CA GLU B 84 7.65 -0.11 19.92
C GLU B 84 7.32 -0.13 18.43
N LEU B 85 6.51 0.82 17.97
CA LEU B 85 6.20 0.91 16.55
C LEU B 85 7.45 1.22 15.73
N CYS B 86 8.23 2.20 16.17
CA CYS B 86 9.44 2.58 15.46
C CYS B 86 10.41 1.41 15.37
N GLU B 87 10.48 0.58 16.42
CA GLU B 87 11.40 -0.55 16.39
C GLU B 87 10.91 -1.65 15.44
N CYS B 88 9.59 -1.80 15.29
CA CYS B 88 9.07 -2.70 14.27
C CYS B 88 9.54 -2.26 12.89
N ASP B 89 9.38 -0.96 12.59
CA ASP B 89 9.74 -0.44 11.27
C ASP B 89 11.25 -0.52 11.04
N LYS B 90 12.05 -0.23 12.07
CA LYS B 90 13.49 -0.31 11.92
C LYS B 90 13.95 -1.74 11.66
N ALA B 91 13.29 -2.70 12.30
CA ALA B 91 13.70 -4.10 12.15
C ALA B 91 13.45 -4.60 10.73
N VAL B 92 12.32 -4.25 10.12
CA VAL B 92 12.04 -4.74 8.78
C VAL B 92 12.91 -4.05 7.75
N ALA B 93 13.26 -2.77 7.96
CA ALA B 93 14.15 -2.09 7.03
C ALA B 93 15.54 -2.72 7.06
N ILE B 94 16.04 -3.03 8.26
CA ILE B 94 17.32 -3.73 8.37
C ILE B 94 17.22 -5.13 7.78
N CYS B 95 16.12 -5.83 8.07
CA CYS B 95 15.93 -7.18 7.55
C CYS B 95 15.92 -7.19 6.03
N LEU B 96 15.24 -6.21 5.41
CA LEU B 96 15.15 -6.18 3.95
C LEU B 96 16.51 -5.93 3.32
N ARG B 97 17.31 -5.02 3.89
CA ARG B 97 18.66 -4.82 3.38
C ARG B 97 19.51 -6.08 3.55
N GLU B 98 19.41 -6.72 4.71
CA GLU B 98 20.22 -7.90 5.00
C GLU B 98 19.91 -9.06 4.07
N ASN B 99 18.76 -9.05 3.40
CA ASN B 99 18.35 -10.15 2.54
C ASN B 99 18.21 -9.73 1.08
N LEU B 100 18.80 -8.59 0.70
CA LEU B 100 18.82 -8.20 -0.70
C LEU B 100 19.58 -9.21 -1.54
N GLY B 101 20.51 -9.95 -0.94
CA GLY B 101 21.29 -10.93 -1.68
C GLY B 101 20.49 -12.08 -2.24
N THR B 102 19.33 -12.37 -1.65
CA THR B 102 18.44 -13.42 -2.15
C THR B 102 17.14 -12.86 -2.74
N TYR B 103 17.07 -11.54 -2.91
CA TYR B 103 15.90 -10.94 -3.54
C TYR B 103 15.69 -11.52 -4.92
N ASN B 104 14.45 -11.89 -5.23
CA ASN B 104 14.09 -12.51 -6.50
C ASN B 104 13.00 -11.67 -7.16
N LYS B 105 13.32 -11.09 -8.31
CA LYS B 105 12.37 -10.24 -9.01
C LYS B 105 11.12 -11.00 -9.47
N LEU B 106 11.18 -12.32 -9.53
CA LEU B 106 10.00 -13.10 -9.87
C LEU B 106 8.90 -13.00 -8.82
N TYR B 107 9.26 -12.62 -7.59
CA TYR B 107 8.28 -12.42 -6.52
C TYR B 107 7.84 -10.98 -6.38
N ARG B 108 8.37 -10.06 -7.19
CA ARG B 108 8.15 -8.63 -6.95
C ARG B 108 6.68 -8.27 -7.08
N TYR B 109 5.98 -8.84 -8.05
CA TYR B 109 4.54 -8.62 -8.23
C TYR B 109 3.87 -10.00 -8.16
N HIS B 110 3.79 -10.53 -6.94
CA HIS B 110 3.32 -11.88 -6.69
C HIS B 110 1.81 -11.90 -6.54
N LEU B 111 1.17 -12.87 -7.20
CA LEU B 111 -0.27 -13.06 -7.07
C LEU B 111 -0.61 -13.59 -5.68
N LYS B 112 -0.85 -12.69 -4.73
CA LYS B 112 -1.07 -13.01 -3.33
C LYS B 112 -2.33 -13.82 -3.04
N PRO B 113 -3.43 -13.67 -3.78
CA PRO B 113 -4.63 -14.48 -3.47
C PRO B 113 -4.39 -15.99 -3.49
N PHE B 114 -3.39 -16.48 -4.23
CA PHE B 114 -3.11 -17.90 -4.30
C PHE B 114 -2.04 -18.35 -3.32
N CYS B 115 -1.63 -17.47 -2.39
CA CYS B 115 -0.62 -17.82 -1.42
C CYS B 115 -1.16 -18.83 -0.41
N LYS B 116 -0.28 -19.72 0.04
CA LYS B 116 -0.64 -20.61 1.15
C LYS B 116 -0.84 -19.80 2.42
N LYS B 117 -1.72 -20.30 3.28
CA LYS B 117 -2.05 -19.59 4.50
C LYS B 117 -0.87 -19.56 5.45
N ALA B 118 -0.80 -18.50 6.25
CA ALA B 118 0.31 -18.31 7.18
C ALA B 118 -0.03 -18.87 8.55
N ASP B 119 1.01 -19.22 9.29
CA ASP B 119 0.83 -19.60 10.69
C ASP B 119 0.44 -18.39 11.51
N ASP B 120 -0.14 -18.65 12.67
CA ASP B 120 -0.51 -17.56 13.57
C ASP B 120 0.75 -16.89 14.13
N CYS B 121 0.66 -15.58 14.33
CA CYS B 121 1.79 -14.79 14.79
C CYS B 121 2.32 -15.28 16.13
C01 VRD C . -4.39 2.70 -7.87
C02 VRD C . -4.08 1.42 -7.08
C03 VRD C . -4.02 1.53 -5.52
C04 VRD C . -4.70 2.44 -4.68
C05 VRD C . -4.32 2.10 -3.36
C06 VRD C . -3.44 1.03 -3.46
C08 VRD C . -2.44 -0.36 -5.27
C09 VRD C . -3.23 -1.70 -5.39
C10 VRD C . -4.58 -1.75 -5.09
C11 VRD C . -5.27 -2.95 -5.21
C12 VRD C . -4.61 -4.09 -5.63
C13 VRD C . -3.26 -4.04 -5.93
C14 VRD C . -2.56 -2.84 -5.82
C15 VRD C . -2.88 0.46 -2.31
C16 VRD C . -3.19 0.97 -1.06
C17 VRD C . -4.07 2.05 -0.95
C18 VRD C . -4.63 2.62 -2.09
C20 VRD C . -6.52 3.57 -1.00
C21 VRD C . -6.11 4.33 0.26
C24 VRD C . -5.67 3.57 -5.06
C26 VRD C . -5.41 5.02 -4.60
N07 VRD C . -3.30 0.72 -4.76
N28 VRD C . -4.08 5.43 -4.18
O19 VRD C . -5.52 3.72 -1.97
O22 VRD C . -5.07 5.05 0.24
O23 VRD C . -6.79 4.26 1.31
O25 VRD C . -6.63 3.34 -5.72
O27 VRD C . -6.30 5.80 -4.59
C01 VRD D . -6.23 -9.21 -5.06
C02 VRD D . -5.86 -7.93 -5.83
C03 VRD D . -5.10 -8.25 -7.14
C04 VRD D . -3.70 -8.24 -7.29
C05 VRD D . -3.45 -8.59 -8.64
C06 VRD D . -4.69 -8.80 -9.22
C08 VRD D . -7.09 -8.73 -8.54
C09 VRD D . -7.42 -10.26 -8.57
C10 VRD D . -6.46 -11.19 -8.18
C11 VRD D . -6.75 -12.54 -8.21
C12 VRD D . -7.99 -12.97 -8.63
C13 VRD D . -8.96 -12.05 -9.02
C14 VRD D . -8.67 -10.70 -8.99
C15 VRD D . -4.80 -9.17 -10.57
C16 VRD D . -3.66 -9.33 -11.34
C17 VRD D . -2.40 -9.12 -10.78
C18 VRD D . -2.29 -8.76 -9.44
C20 VRD D . -0.63 -7.20 -8.92
C21 VRD D . 0.24 -6.94 -10.14
C24 VRD D . -2.68 -7.90 -6.19
C26 VRD D . -1.50 -8.84 -5.94
N07 VRD D . -5.65 -8.59 -8.30
N28 VRD D . -1.70 -10.27 -6.07
O19 VRD D . -1.01 -8.56 -8.88
O22 VRD D . 0.48 -5.77 -10.51
O23 VRD D . 0.74 -7.91 -10.77
O25 VRD D . -2.82 -6.95 -5.50
O27 VRD D . -0.43 -8.40 -5.68
S SO4 E . -4.58 12.86 3.22
O1 SO4 E . -5.04 14.15 3.76
O2 SO4 E . -5.50 12.42 2.18
O3 SO4 E . -3.24 13.02 2.66
O4 SO4 E . -4.56 11.87 4.29
C01 VRD F . 7.91 -3.93 2.78
C02 VRD F . 7.30 -2.53 2.61
C03 VRD F . 5.82 -2.42 3.04
C04 VRD F . 5.23 -2.97 4.18
C05 VRD F . 3.87 -2.61 4.15
C06 VRD F . 3.70 -1.86 2.99
C08 VRD F . 5.10 -1.05 1.08
C09 VRD F . 5.49 0.44 1.34
C10 VRD F . 5.69 0.91 2.62
C11 VRD F . 6.03 2.24 2.84
C12 VRD F . 6.17 3.10 1.76
C13 VRD F . 5.97 2.64 0.47
C14 VRD F . 5.63 1.31 0.26
C15 VRD F . 2.43 -1.34 2.66
C16 VRD F . 1.35 -1.58 3.51
C17 VRD F . 1.52 -2.34 4.67
C18 VRD F . 2.77 -2.85 4.99
C20 VRD F . 2.25 -3.15 7.29
C21 VRD F . 0.94 -3.94 7.43
C24 VRD F . 5.91 -3.82 5.27
C26 VRD F . 5.46 -5.27 5.47
N07 VRD F . 4.89 -1.76 2.35
N28 VRD F . 4.88 -5.99 4.35
O19 VRD F . 2.95 -3.63 6.17
O22 VRD F . 0.66 -4.83 6.59
O23 VRD F . 0.14 -3.68 8.36
O25 VRD F . 6.78 -3.36 5.94
O27 VRD F . 5.57 -5.80 6.52
S SO4 G . 9.43 -24.29 2.86
O1 SO4 G . 9.68 -22.86 3.01
O2 SO4 G . 8.35 -24.51 1.91
O3 SO4 G . 10.64 -24.95 2.37
O4 SO4 G . 9.07 -24.86 4.16
S SO4 H . 15.49 -3.38 -10.74
O1 SO4 H . 16.49 -2.48 -11.31
O2 SO4 H . 14.19 -3.12 -11.34
O3 SO4 H . 15.89 -4.77 -11.01
O4 SO4 H . 15.42 -3.18 -9.29
S SO4 I . 15.37 1.10 -7.64
O1 SO4 I . 14.70 2.27 -7.09
O2 SO4 I . 15.44 1.24 -9.10
O3 SO4 I . 16.72 1.00 -7.10
O4 SO4 I . 14.61 -0.11 -7.30
#